data_1GFS
#
_entry.id   1GFS
#
_cell.length_a   104.200
_cell.length_b   104.200
_cell.length_c   74.900
_cell.angle_alpha   90.00
_cell.angle_beta   90.00
_cell.angle_gamma   120.00
#
_symmetry.space_group_name_H-M   'P 32 2 1'
#
loop_
_entity.id
_entity.type
_entity.pdbx_description
1 polymer 'GDP-FUCOSE SYNTHETASE'
2 water water
#
_entity_poly.entity_id   1
_entity_poly.type   'polypeptide(L)'
_entity_poly.pdbx_seq_one_letter_code
;MSKQRVFIAGHRGMVGSAIRRQLEQRGDVELVLRTRDELNLLDSRAVHDFFASERIDQVYLAAAKVGGIVANNTYPADFI
YQNMMIESNIIHAAHQNDVNKLLFLGSSCIYPKLAKQPMAESELLQGTLEPTNEPYAIAKIAGIKLCESYNRQYGRDYRS
VMPTNLYGPHDNFHPSNSHVIPALLRRFHEATAQNAPDVVVWGSGTPMREFLHVDDMAAASIHVMELAHEVWLENTQPML
SHINVGTGVDCTIRELAQTIAKVVGYKGRVVFDASKPDGTPRKLLDVTRLHQLGWYHEISLEAGLASTYQWFLENQDRFR
G
;
_entity_poly.pdbx_strand_id   A
#
# COMPACT_ATOMS: atom_id res chain seq x y z
N LYS A 3 -1.01 -28.57 -3.23
CA LYS A 3 -1.67 -27.37 -2.63
C LYS A 3 -0.68 -26.38 -1.99
N GLN A 4 -0.54 -25.22 -2.65
CA GLN A 4 0.35 -24.15 -2.21
C GLN A 4 0.08 -23.62 -0.80
N ARG A 5 1.08 -23.69 0.08
CA ARG A 5 0.94 -23.17 1.44
C ARG A 5 1.48 -21.73 1.47
N VAL A 6 0.57 -20.78 1.64
CA VAL A 6 0.91 -19.35 1.64
C VAL A 6 0.87 -18.64 2.99
N PHE A 7 1.95 -17.93 3.30
CA PHE A 7 2.03 -17.14 4.53
C PHE A 7 1.85 -15.68 4.17
N ILE A 8 0.85 -15.05 4.78
CA ILE A 8 0.61 -13.64 4.57
C ILE A 8 0.96 -12.98 5.88
N ALA A 9 2.10 -12.29 5.90
CA ALA A 9 2.57 -11.58 7.09
C ALA A 9 1.70 -10.34 7.22
N GLY A 10 1.22 -10.05 8.42
CA GLY A 10 0.37 -8.89 8.63
C GLY A 10 -0.96 -9.00 7.93
N HIS A 11 -1.63 -10.15 8.09
CA HIS A 11 -2.92 -10.38 7.44
C HIS A 11 -4.10 -9.57 8.00
N ARG A 12 -3.90 -8.90 9.13
CA ARG A 12 -4.96 -8.08 9.73
C ARG A 12 -4.92 -6.63 9.23
N GLY A 13 -3.79 -6.22 8.67
CA GLY A 13 -3.67 -4.86 8.16
C GLY A 13 -4.57 -4.69 6.94
N MET A 14 -4.61 -3.47 6.41
CA MET A 14 -5.45 -3.16 5.25
C MET A 14 -5.11 -3.98 3.99
N VAL A 15 -3.84 -3.96 3.57
CA VAL A 15 -3.44 -4.71 2.38
C VAL A 15 -3.37 -6.22 2.64
N GLY A 16 -2.85 -6.60 3.80
CA GLY A 16 -2.74 -8.00 4.15
C GLY A 16 -4.10 -8.68 4.11
N SER A 17 -5.09 -8.07 4.76
CA SER A 17 -6.45 -8.60 4.81
C SER A 17 -7.12 -8.68 3.43
N ALA A 18 -6.78 -7.73 2.57
CA ALA A 18 -7.34 -7.71 1.22
C ALA A 18 -6.82 -8.89 0.43
N ILE A 19 -5.53 -9.21 0.61
CA ILE A 19 -4.90 -10.34 -0.08
C ILE A 19 -5.51 -11.64 0.47
N ARG A 20 -5.70 -11.69 1.79
CA ARG A 20 -6.28 -12.85 2.43
C ARG A 20 -7.69 -13.10 1.92
N ARG A 21 -8.51 -12.06 1.86
CA ARG A 21 -9.89 -12.18 1.38
C ARG A 21 -9.96 -12.85 0.01
N GLN A 22 -9.04 -12.49 -0.88
CA GLN A 22 -9.02 -13.06 -2.22
C GLN A 22 -8.44 -14.45 -2.37
N LEU A 23 -7.51 -14.81 -1.50
CA LEU A 23 -6.89 -16.14 -1.58
C LEU A 23 -7.74 -17.18 -0.85
N GLU A 24 -8.53 -16.71 0.10
CA GLU A 24 -9.42 -17.58 0.85
C GLU A 24 -10.48 -18.13 -0.10
N GLN A 25 -10.74 -17.38 -1.17
CA GLN A 25 -11.74 -17.74 -2.19
C GLN A 25 -11.19 -18.67 -3.30
N ARG A 26 -10.39 -19.65 -2.87
CA ARG A 26 -9.82 -20.66 -3.78
C ARG A 26 -9.13 -21.76 -2.98
N GLY A 27 -9.46 -23.01 -3.34
CA GLY A 27 -8.95 -24.17 -2.65
C GLY A 27 -7.59 -24.71 -3.05
N ASP A 28 -6.95 -24.09 -4.05
CA ASP A 28 -5.62 -24.54 -4.47
C ASP A 28 -4.53 -23.88 -3.63
N VAL A 29 -4.98 -23.19 -2.59
CA VAL A 29 -4.11 -22.47 -1.67
C VAL A 29 -4.55 -22.71 -0.23
N GLU A 30 -3.58 -22.96 0.65
CA GLU A 30 -3.87 -23.17 2.05
C GLU A 30 -3.12 -22.08 2.80
N LEU A 31 -3.85 -21.24 3.53
CA LEU A 31 -3.26 -20.12 4.26
C LEU A 31 -2.70 -20.40 5.66
N VAL A 32 -1.48 -19.92 5.90
CA VAL A 32 -0.82 -20.06 7.19
C VAL A 32 -0.80 -18.62 7.71
N LEU A 33 -1.52 -18.36 8.80
CA LEU A 33 -1.60 -17.02 9.37
C LEU A 33 -1.24 -16.99 10.84
N ARG A 34 -0.57 -15.93 11.25
CA ARG A 34 -0.16 -15.77 12.64
C ARG A 34 -0.46 -14.35 13.04
N THR A 35 -0.99 -14.14 14.24
CA THR A 35 -1.28 -12.78 14.71
C THR A 35 0.00 -12.22 15.34
N ARG A 36 0.05 -10.91 15.53
CA ARG A 36 1.21 -10.26 16.13
C ARG A 36 1.49 -10.85 17.51
N ASP A 37 0.44 -11.34 18.16
CA ASP A 37 0.56 -11.95 19.48
C ASP A 37 1.12 -13.37 19.35
N GLU A 38 0.73 -14.07 18.28
CA GLU A 38 1.23 -15.44 18.04
C GLU A 38 2.66 -15.47 17.51
N LEU A 39 3.03 -14.49 16.69
CA LEU A 39 4.36 -14.43 16.11
C LEU A 39 4.88 -13.00 16.07
N ASN A 40 5.92 -12.75 16.88
CA ASN A 40 6.53 -11.44 16.93
C ASN A 40 7.52 -11.31 15.75
N LEU A 41 7.11 -10.53 14.75
CA LEU A 41 7.92 -10.31 13.56
C LEU A 41 9.25 -9.62 13.81
N LEU A 42 9.39 -8.90 14.92
CA LEU A 42 10.64 -8.22 15.23
C LEU A 42 11.68 -9.17 15.82
N ASP A 43 11.22 -10.35 16.23
CA ASP A 43 12.07 -11.38 16.82
C ASP A 43 12.63 -12.33 15.75
N SER A 44 13.93 -12.21 15.49
CA SER A 44 14.62 -13.05 14.50
C SER A 44 14.42 -14.55 14.76
N ARG A 45 14.74 -14.98 15.98
CA ARG A 45 14.62 -16.39 16.39
C ARG A 45 13.19 -16.90 16.22
N ALA A 46 12.22 -16.10 16.65
CA ALA A 46 10.82 -16.49 16.53
C ALA A 46 10.43 -16.71 15.05
N VAL A 47 10.84 -15.78 14.19
CA VAL A 47 10.54 -15.86 12.76
C VAL A 47 11.24 -17.06 12.12
N HIS A 48 12.51 -17.31 12.48
CA HIS A 48 13.23 -18.45 11.92
C HIS A 48 12.61 -19.76 12.39
N ASP A 49 12.22 -19.81 13.66
CA ASP A 49 11.58 -20.99 14.23
C ASP A 49 10.30 -21.31 13.48
N PHE A 50 9.53 -20.26 13.17
CA PHE A 50 8.27 -20.40 12.45
C PHE A 50 8.48 -20.98 11.05
N PHE A 51 9.44 -20.45 10.32
CA PHE A 51 9.73 -20.93 8.96
C PHE A 51 10.29 -22.36 8.96
N ALA A 52 10.95 -22.72 10.06
CA ALA A 52 11.53 -24.04 10.21
C ALA A 52 10.43 -25.07 10.50
N SER A 53 9.48 -24.69 11.36
CA SER A 53 8.35 -25.56 11.75
C SER A 53 7.30 -25.72 10.68
N GLU A 54 6.91 -24.63 10.03
CA GLU A 54 5.88 -24.67 8.98
C GLU A 54 6.50 -24.95 7.62
N ARG A 55 5.67 -25.39 6.68
CA ARG A 55 6.18 -25.66 5.34
C ARG A 55 5.59 -24.65 4.37
N ILE A 56 6.22 -23.48 4.29
CA ILE A 56 5.78 -22.38 3.44
C ILE A 56 6.27 -22.47 2.00
N ASP A 57 5.38 -22.19 1.05
CA ASP A 57 5.74 -22.21 -0.36
C ASP A 57 5.86 -20.80 -0.91
N GLN A 58 5.02 -19.89 -0.39
CA GLN A 58 5.02 -18.49 -0.83
C GLN A 58 4.84 -17.55 0.35
N VAL A 59 5.38 -16.34 0.22
CA VAL A 59 5.26 -15.33 1.28
C VAL A 59 4.82 -13.97 0.71
N TYR A 60 3.75 -13.43 1.29
CA TYR A 60 3.27 -12.10 0.93
C TYR A 60 3.69 -11.24 2.11
N LEU A 61 4.74 -10.45 1.93
CA LEU A 61 5.25 -9.60 3.00
C LEU A 61 4.47 -8.29 3.02
N ALA A 62 3.32 -8.33 3.71
CA ALA A 62 2.43 -7.18 3.82
C ALA A 62 2.48 -6.53 5.20
N ALA A 63 3.32 -7.04 6.09
CA ALA A 63 3.43 -6.47 7.42
C ALA A 63 4.33 -5.25 7.35
N ALA A 64 3.93 -4.18 8.04
CA ALA A 64 4.67 -2.93 8.05
C ALA A 64 4.18 -2.02 9.17
N LYS A 65 5.02 -1.08 9.58
CA LYS A 65 4.66 -0.08 10.57
C LYS A 65 4.32 1.12 9.68
N VAL A 66 3.02 1.37 9.53
CA VAL A 66 2.50 2.46 8.68
C VAL A 66 1.76 3.54 9.50
N GLY A 67 1.62 4.72 8.93
CA GLY A 67 0.94 5.79 9.63
C GLY A 67 0.85 7.06 8.81
N GLY A 68 0.24 8.08 9.40
CA GLY A 68 0.09 9.34 8.72
C GLY A 68 1.24 10.30 8.96
N ILE A 69 1.03 11.53 8.50
CA ILE A 69 1.97 12.63 8.60
C ILE A 69 2.48 12.87 10.02
N VAL A 70 1.55 12.89 10.98
CA VAL A 70 1.92 13.09 12.38
C VAL A 70 2.76 11.93 12.90
N ALA A 71 2.31 10.70 12.69
CA ALA A 71 3.03 9.52 13.16
C ALA A 71 4.46 9.42 12.60
N ASN A 72 4.62 9.62 11.30
CA ASN A 72 5.94 9.53 10.67
C ASN A 72 6.94 10.57 11.17
N ASN A 73 6.45 11.75 11.56
CA ASN A 73 7.33 12.80 12.06
C ASN A 73 7.51 12.71 13.57
N THR A 74 6.57 12.05 14.24
CA THR A 74 6.63 11.91 15.68
C THR A 74 7.42 10.69 16.15
N TYR A 75 7.31 9.58 15.41
CA TYR A 75 8.05 8.37 15.78
C TYR A 75 8.96 7.90 14.65
N PRO A 76 9.85 8.77 14.15
CA PRO A 76 10.73 8.34 13.05
C PRO A 76 11.57 7.09 13.31
N ALA A 77 12.15 6.96 14.51
CA ALA A 77 12.96 5.80 14.85
C ALA A 77 12.17 4.48 14.79
N ASP A 78 10.94 4.49 15.30
CA ASP A 78 10.10 3.29 15.29
C ASP A 78 9.77 2.87 13.87
N PHE A 79 9.53 3.85 13.00
CA PHE A 79 9.20 3.57 11.61
C PHE A 79 10.33 2.97 10.79
N ILE A 80 11.55 3.49 10.96
CA ILE A 80 12.67 2.94 10.21
C ILE A 80 13.13 1.62 10.81
N TYR A 81 13.30 1.57 12.13
CA TYR A 81 13.74 0.36 12.80
C TYR A 81 12.81 -0.84 12.64
N GLN A 82 11.53 -0.66 12.94
CA GLN A 82 10.60 -1.77 12.85
C GLN A 82 10.42 -2.30 11.44
N ASN A 83 10.37 -1.42 10.46
CA ASN A 83 10.21 -1.86 9.09
C ASN A 83 11.47 -2.58 8.61
N MET A 84 12.64 -2.09 9.05
CA MET A 84 13.89 -2.75 8.66
C MET A 84 13.96 -4.15 9.26
N MET A 85 13.62 -4.29 10.54
CA MET A 85 13.65 -5.60 11.20
C MET A 85 12.66 -6.58 10.61
N ILE A 86 11.40 -6.16 10.39
CA ILE A 86 10.37 -7.03 9.80
C ILE A 86 10.81 -7.55 8.42
N GLU A 87 11.30 -6.64 7.57
CA GLU A 87 11.79 -7.01 6.24
C GLU A 87 12.93 -8.02 6.28
N SER A 88 13.98 -7.69 7.03
CA SER A 88 15.18 -8.52 7.21
C SER A 88 14.90 -9.89 7.78
N ASN A 89 14.09 -9.94 8.83
CA ASN A 89 13.73 -11.20 9.49
C ASN A 89 13.03 -12.16 8.55
N ILE A 90 11.94 -11.71 7.94
CA ILE A 90 11.16 -12.53 7.02
C ILE A 90 11.94 -12.94 5.77
N ILE A 91 12.55 -11.98 5.09
CA ILE A 91 13.31 -12.29 3.88
C ILE A 91 14.47 -13.26 4.11
N HIS A 92 15.21 -13.08 5.20
CA HIS A 92 16.33 -13.96 5.51
C HIS A 92 15.85 -15.34 5.98
N ALA A 93 14.85 -15.38 6.86
CA ALA A 93 14.31 -16.64 7.35
C ALA A 93 13.71 -17.43 6.20
N ALA A 94 13.09 -16.74 5.26
CA ALA A 94 12.49 -17.39 4.10
C ALA A 94 13.56 -18.10 3.31
N HIS A 95 14.65 -17.40 3.02
CA HIS A 95 15.74 -17.98 2.25
C HIS A 95 16.39 -19.15 2.98
N GLN A 96 16.64 -18.97 4.27
CA GLN A 96 17.24 -20.01 5.11
C GLN A 96 16.43 -21.29 5.11
N ASN A 97 15.12 -21.18 4.88
CA ASN A 97 14.22 -22.34 4.89
C ASN A 97 13.64 -22.72 3.53
N ASP A 98 14.38 -22.38 2.49
CA ASP A 98 14.00 -22.68 1.12
C ASP A 98 12.70 -22.18 0.54
N VAL A 99 12.19 -21.05 1.04
CA VAL A 99 10.99 -20.48 0.45
C VAL A 99 11.55 -19.70 -0.74
N ASN A 100 11.22 -20.12 -1.94
CA ASN A 100 11.73 -19.48 -3.14
C ASN A 100 10.91 -18.30 -3.66
N LYS A 101 9.62 -18.27 -3.29
CA LYS A 101 8.73 -17.20 -3.74
C LYS A 101 8.31 -16.24 -2.65
N LEU A 102 8.40 -14.95 -2.94
CA LEU A 102 8.03 -13.94 -1.97
C LEU A 102 7.64 -12.66 -2.70
N LEU A 103 6.62 -11.98 -2.18
CA LEU A 103 6.18 -10.72 -2.75
C LEU A 103 6.26 -9.65 -1.66
N PHE A 104 7.05 -8.62 -1.91
CA PHE A 104 7.22 -7.53 -0.97
C PHE A 104 6.34 -6.35 -1.39
N LEU A 105 5.48 -5.88 -0.48
CA LEU A 105 4.60 -4.75 -0.76
C LEU A 105 5.27 -3.50 -0.23
N GLY A 106 5.62 -2.61 -1.14
CA GLY A 106 6.27 -1.39 -0.74
C GLY A 106 5.29 -0.25 -0.54
N SER A 107 5.65 0.92 -1.05
CA SER A 107 4.85 2.13 -0.96
C SER A 107 5.26 3.12 -2.04
N SER A 108 4.43 4.13 -2.20
CA SER A 108 4.65 5.18 -3.19
C SER A 108 5.62 6.25 -2.67
N CYS A 109 5.79 6.30 -1.34
CA CYS A 109 6.66 7.27 -0.66
C CYS A 109 8.11 7.13 -1.01
N ILE A 110 8.49 6.00 -1.56
CA ILE A 110 9.89 5.73 -1.91
C ILE A 110 10.42 6.62 -3.05
N TYR A 111 9.53 7.27 -3.79
CA TYR A 111 9.99 8.09 -4.91
C TYR A 111 10.45 9.48 -4.51
N PRO A 112 11.38 10.07 -5.27
CA PRO A 112 11.91 11.40 -5.00
C PRO A 112 10.74 12.39 -4.90
N LYS A 113 10.88 13.39 -4.03
CA LYS A 113 9.84 14.40 -3.85
C LYS A 113 9.52 15.12 -5.18
N LEU A 114 10.58 15.46 -5.92
CA LEU A 114 10.45 16.16 -7.20
C LEU A 114 10.65 15.27 -8.41
N ALA A 115 10.11 14.06 -8.37
CA ALA A 115 10.23 13.13 -9.47
C ALA A 115 9.48 13.60 -10.73
N LYS A 116 9.87 13.06 -11.88
CA LYS A 116 9.25 13.36 -13.17
C LYS A 116 7.92 12.62 -13.15
N GLN A 117 6.85 13.27 -13.64
CA GLN A 117 5.51 12.68 -13.65
C GLN A 117 5.03 12.31 -15.05
N PRO A 118 4.44 11.12 -15.22
CA PRO A 118 4.18 10.11 -14.19
C PRO A 118 5.49 9.43 -13.80
N MET A 119 5.56 8.88 -12.58
CA MET A 119 6.76 8.25 -12.08
C MET A 119 6.98 6.79 -12.49
N ALA A 120 7.99 6.59 -13.33
CA ALA A 120 8.32 5.24 -13.77
C ALA A 120 9.22 4.65 -12.68
N GLU A 121 9.35 3.32 -12.70
CA GLU A 121 10.15 2.60 -11.71
C GLU A 121 11.58 3.09 -11.60
N SER A 122 12.12 3.56 -12.71
CA SER A 122 13.48 4.07 -12.80
C SER A 122 13.70 5.41 -12.10
N GLU A 123 12.64 5.92 -11.50
CA GLU A 123 12.71 7.17 -10.79
C GLU A 123 13.23 6.94 -9.37
N LEU A 124 13.31 5.65 -9.00
CA LEU A 124 13.79 5.26 -7.68
C LEU A 124 15.21 5.75 -7.45
N LEU A 125 15.44 6.35 -6.28
CA LEU A 125 16.75 6.86 -5.89
C LEU A 125 17.32 8.00 -6.75
N GLN A 126 16.46 8.67 -7.52
CA GLN A 126 16.89 9.77 -8.40
C GLN A 126 16.89 11.17 -7.79
N GLY A 127 16.56 11.28 -6.51
CA GLY A 127 16.53 12.58 -5.91
C GLY A 127 16.13 12.47 -4.47
N THR A 128 16.13 13.60 -3.78
CA THR A 128 15.81 13.61 -2.36
C THR A 128 14.35 13.25 -2.05
N LEU A 129 14.19 12.57 -0.92
CA LEU A 129 12.89 12.14 -0.43
C LEU A 129 12.15 13.23 0.34
N GLU A 130 10.83 13.04 0.44
CA GLU A 130 9.94 13.93 1.20
C GLU A 130 10.38 13.72 2.66
N PRO A 131 10.80 14.79 3.34
CA PRO A 131 11.24 14.72 4.74
C PRO A 131 10.32 13.92 5.67
N THR A 132 9.01 14.16 5.57
CA THR A 132 8.04 13.48 6.40
C THR A 132 8.14 11.97 6.32
N ASN A 133 8.36 11.46 5.11
CA ASN A 133 8.45 10.02 4.87
C ASN A 133 9.83 9.43 4.78
N GLU A 134 10.86 10.24 4.95
CA GLU A 134 12.22 9.76 4.83
C GLU A 134 12.58 8.45 5.56
N PRO A 135 12.36 8.37 6.89
CA PRO A 135 12.72 7.11 7.58
C PRO A 135 11.98 5.87 7.04
N TYR A 136 10.67 6.00 6.86
CA TYR A 136 9.87 4.90 6.34
C TYR A 136 10.32 4.51 4.92
N ALA A 137 10.55 5.52 4.09
CA ALA A 137 10.97 5.32 2.70
C ALA A 137 12.30 4.58 2.61
N ILE A 138 13.25 4.95 3.46
CA ILE A 138 14.56 4.29 3.44
C ILE A 138 14.41 2.81 3.77
N ALA A 139 13.54 2.51 4.74
CA ALA A 139 13.30 1.12 5.13
C ALA A 139 12.70 0.32 3.96
N LYS A 140 11.74 0.94 3.26
CA LYS A 140 11.08 0.29 2.13
C LYS A 140 12.06 0.01 0.98
N ILE A 141 12.90 0.99 0.67
CA ILE A 141 13.88 0.84 -0.39
C ILE A 141 14.84 -0.30 -0.01
N ALA A 142 15.25 -0.35 1.26
CA ALA A 142 16.16 -1.41 1.73
C ALA A 142 15.48 -2.77 1.54
N GLY A 143 14.15 -2.81 1.69
CA GLY A 143 13.38 -4.04 1.51
C GLY A 143 13.47 -4.52 0.07
N ILE A 144 13.35 -3.59 -0.89
CA ILE A 144 13.44 -3.91 -2.31
C ILE A 144 14.83 -4.41 -2.64
N LYS A 145 15.86 -3.76 -2.11
CA LYS A 145 17.24 -4.14 -2.39
C LYS A 145 17.64 -5.47 -1.76
N LEU A 146 16.97 -5.84 -0.67
CA LEU A 146 17.23 -7.12 -0.03
C LEU A 146 16.74 -8.19 -1.01
N CYS A 147 15.53 -8.00 -1.53
CA CYS A 147 14.93 -8.92 -2.49
C CYS A 147 15.83 -9.12 -3.70
N GLU A 148 16.26 -8.03 -4.31
CA GLU A 148 17.13 -8.06 -5.50
C GLU A 148 18.46 -8.76 -5.19
N SER A 149 19.01 -8.50 -4.01
CA SER A 149 20.27 -9.09 -3.59
C SER A 149 20.19 -10.60 -3.38
N TYR A 150 19.04 -11.09 -2.87
CA TYR A 150 18.84 -12.53 -2.66
C TYR A 150 18.55 -13.18 -3.99
N ASN A 151 17.92 -12.44 -4.90
CA ASN A 151 17.64 -12.96 -6.24
C ASN A 151 18.96 -13.15 -6.99
N ARG A 152 19.82 -12.13 -6.93
CA ARG A 152 21.13 -12.16 -7.59
C ARG A 152 22.07 -13.22 -7.00
N GLN A 153 22.28 -13.18 -5.68
CA GLN A 153 23.18 -14.13 -5.03
C GLN A 153 22.69 -15.56 -4.95
N TYR A 154 21.45 -15.76 -4.50
CA TYR A 154 20.94 -17.11 -4.31
C TYR A 154 19.99 -17.66 -5.34
N GLY A 155 19.69 -16.88 -6.37
CA GLY A 155 18.78 -17.34 -7.39
C GLY A 155 17.36 -17.43 -6.89
N ARG A 156 17.00 -16.57 -5.96
CA ARG A 156 15.64 -16.54 -5.41
C ARG A 156 14.65 -15.84 -6.37
N ASP A 157 13.37 -15.89 -6.01
CA ASP A 157 12.32 -15.28 -6.80
C ASP A 157 11.51 -14.36 -5.86
N TYR A 158 12.19 -13.31 -5.38
CA TYR A 158 11.60 -12.34 -4.48
C TYR A 158 11.20 -11.09 -5.25
N ARG A 159 9.90 -10.98 -5.50
CA ARG A 159 9.32 -9.88 -6.27
C ARG A 159 8.79 -8.78 -5.35
N SER A 160 8.57 -7.60 -5.91
CA SER A 160 8.09 -6.46 -5.13
C SER A 160 7.20 -5.54 -5.95
N VAL A 161 6.18 -4.99 -5.29
CA VAL A 161 5.24 -4.09 -5.94
C VAL A 161 5.10 -2.80 -5.13
N MET A 162 5.08 -1.64 -5.81
CA MET A 162 4.93 -0.34 -5.15
C MET A 162 3.58 0.25 -5.50
N PRO A 163 2.65 0.23 -4.54
CA PRO A 163 1.30 0.76 -4.74
C PRO A 163 1.26 2.28 -4.63
N THR A 164 0.29 2.89 -5.31
CA THR A 164 0.05 4.33 -5.25
C THR A 164 -0.80 4.52 -3.97
N ASN A 165 -1.48 5.66 -3.81
CA ASN A 165 -2.34 5.87 -2.63
C ASN A 165 -3.46 4.84 -2.62
N LEU A 166 -3.64 4.17 -1.49
CA LEU A 166 -4.66 3.15 -1.36
C LEU A 166 -5.79 3.59 -0.48
N TYR A 167 -6.92 2.90 -0.62
CA TYR A 167 -8.08 3.17 0.21
C TYR A 167 -8.97 1.95 0.15
N GLY A 168 -9.93 1.86 1.06
CA GLY A 168 -10.83 0.74 1.06
C GLY A 168 -11.14 0.28 2.46
N PRO A 169 -11.79 -0.88 2.63
CA PRO A 169 -12.10 -1.38 3.97
C PRO A 169 -10.86 -1.68 4.80
N HIS A 170 -10.99 -1.51 6.11
CA HIS A 170 -9.90 -1.76 7.06
C HIS A 170 -8.85 -0.70 7.10
N ASP A 171 -9.16 0.42 6.45
CA ASP A 171 -8.26 1.55 6.45
C ASP A 171 -8.42 2.17 7.84
N ASN A 172 -7.57 3.13 8.13
CA ASN A 172 -7.59 3.82 9.40
C ASN A 172 -8.55 5.01 9.29
N PHE A 173 -9.79 4.82 9.72
CA PHE A 173 -10.78 5.89 9.65
C PHE A 173 -10.79 6.79 10.87
N HIS A 174 -9.89 6.51 11.82
CA HIS A 174 -9.77 7.31 13.03
C HIS A 174 -9.49 8.77 12.62
N PRO A 175 -9.87 9.73 13.49
CA PRO A 175 -9.69 11.17 13.26
C PRO A 175 -8.23 11.57 13.13
N SER A 176 -7.35 10.73 13.68
CA SER A 176 -5.92 10.97 13.65
C SER A 176 -5.27 10.71 12.27
N ASN A 177 -5.92 9.90 11.43
CA ASN A 177 -5.39 9.57 10.10
C ASN A 177 -5.39 10.73 9.12
N SER A 178 -4.22 10.99 8.54
CA SER A 178 -4.02 12.08 7.59
C SER A 178 -4.32 11.76 6.12
N HIS A 179 -4.48 10.47 5.77
CA HIS A 179 -4.76 10.12 4.39
C HIS A 179 -6.10 10.72 3.97
N VAL A 180 -6.04 11.45 2.87
CA VAL A 180 -7.17 12.18 2.33
C VAL A 180 -8.51 11.45 2.19
N ILE A 181 -8.54 10.25 1.62
CA ILE A 181 -9.80 9.54 1.47
C ILE A 181 -10.52 9.20 2.79
N PRO A 182 -9.87 8.44 3.71
CA PRO A 182 -10.56 8.14 4.98
C PRO A 182 -10.86 9.39 5.81
N ALA A 183 -9.98 10.39 5.72
CA ALA A 183 -10.17 11.64 6.47
C ALA A 183 -11.40 12.38 5.93
N LEU A 184 -11.50 12.49 4.61
CA LEU A 184 -12.64 13.16 4.01
C LEU A 184 -13.94 12.38 4.14
N LEU A 185 -13.89 11.05 4.04
CA LEU A 185 -15.12 10.26 4.19
C LEU A 185 -15.71 10.50 5.55
N ARG A 186 -14.85 10.58 6.56
CA ARG A 186 -15.24 10.81 7.93
C ARG A 186 -15.82 12.21 8.15
N ARG A 187 -15.13 13.22 7.63
CA ARG A 187 -15.58 14.60 7.78
C ARG A 187 -16.90 14.87 7.06
N PHE A 188 -17.05 14.36 5.85
CA PHE A 188 -18.28 14.57 5.11
C PHE A 188 -19.44 13.85 5.74
N HIS A 189 -19.16 12.70 6.36
CA HIS A 189 -20.18 11.89 7.04
C HIS A 189 -20.75 12.68 8.23
N GLU A 190 -19.85 13.22 9.05
CA GLU A 190 -20.27 13.98 10.21
C GLU A 190 -20.90 15.31 9.86
N ALA A 191 -20.37 15.98 8.84
CA ALA A 191 -20.93 17.24 8.38
C ALA A 191 -22.35 17.00 7.87
N THR A 192 -22.58 15.86 7.23
CA THR A 192 -23.90 15.50 6.69
C THR A 192 -24.86 15.20 7.86
N ALA A 193 -24.37 14.46 8.83
CA ALA A 193 -25.13 14.09 10.03
C ALA A 193 -25.48 15.31 10.88
N GLN A 194 -24.55 16.25 11.00
CA GLN A 194 -24.75 17.47 11.79
C GLN A 194 -25.37 18.58 10.95
N ASN A 195 -25.62 18.29 9.68
CA ASN A 195 -26.23 19.25 8.77
C ASN A 195 -25.47 20.59 8.66
N ALA A 196 -24.12 20.50 8.70
CA ALA A 196 -23.24 21.67 8.61
C ALA A 196 -23.38 22.37 7.27
N PRO A 197 -23.46 23.71 7.29
CA PRO A 197 -23.60 24.49 6.05
C PRO A 197 -22.45 24.29 5.05
N ASP A 198 -21.22 24.12 5.56
CA ASP A 198 -20.07 23.89 4.70
C ASP A 198 -18.94 23.07 5.32
N VAL A 199 -18.02 22.63 4.47
CA VAL A 199 -16.85 21.87 4.89
C VAL A 199 -15.67 22.53 4.22
N VAL A 200 -14.76 23.08 5.03
CA VAL A 200 -13.61 23.77 4.51
C VAL A 200 -12.42 22.84 4.43
N VAL A 201 -11.81 22.77 3.25
CA VAL A 201 -10.64 21.93 3.00
C VAL A 201 -9.49 22.89 2.69
N TRP A 202 -8.34 22.66 3.31
CA TRP A 202 -7.16 23.50 3.10
C TRP A 202 -6.60 23.32 1.70
N GLY A 203 -6.14 24.42 1.10
CA GLY A 203 -5.57 24.33 -0.23
C GLY A 203 -6.51 24.84 -1.31
N SER A 204 -6.06 24.78 -2.56
CA SER A 204 -6.85 25.25 -3.69
C SER A 204 -7.67 24.16 -4.37
N GLY A 205 -7.37 22.90 -4.07
CA GLY A 205 -8.08 21.77 -4.67
C GLY A 205 -7.55 21.39 -6.05
N THR A 206 -6.59 22.15 -6.56
CA THR A 206 -6.02 21.89 -7.88
C THR A 206 -4.99 20.77 -7.98
N PRO A 207 -4.25 20.45 -6.90
CA PRO A 207 -3.28 19.35 -7.08
C PRO A 207 -3.87 18.01 -7.46
N MET A 208 -3.15 17.28 -8.30
CA MET A 208 -3.62 15.99 -8.77
C MET A 208 -2.99 14.76 -8.10
N ARG A 209 -3.84 13.79 -7.75
CA ARG A 209 -3.40 12.58 -7.07
C ARG A 209 -4.00 11.35 -7.71
N GLU A 210 -3.41 10.20 -7.41
CA GLU A 210 -3.86 8.93 -7.95
C GLU A 210 -4.31 8.05 -6.79
N PHE A 211 -5.41 7.33 -6.97
CA PHE A 211 -5.94 6.47 -5.92
C PHE A 211 -6.30 5.10 -6.47
N LEU A 212 -6.04 4.07 -5.67
CA LEU A 212 -6.33 2.70 -6.06
C LEU A 212 -7.06 1.99 -4.92
N HIS A 213 -8.14 1.28 -5.26
CA HIS A 213 -8.88 0.55 -4.22
C HIS A 213 -8.02 -0.63 -3.77
N VAL A 214 -8.02 -0.92 -2.49
CA VAL A 214 -7.22 -2.01 -1.93
C VAL A 214 -7.51 -3.39 -2.52
N ASP A 215 -8.71 -3.61 -3.05
CA ASP A 215 -9.03 -4.90 -3.65
C ASP A 215 -8.36 -5.03 -5.00
N ASP A 216 -8.23 -3.91 -5.70
CA ASP A 216 -7.54 -3.94 -6.97
C ASP A 216 -6.06 -4.18 -6.65
N MET A 217 -5.59 -3.58 -5.55
CA MET A 217 -4.21 -3.74 -5.12
C MET A 217 -3.94 -5.24 -4.89
N ALA A 218 -4.79 -5.88 -4.10
CA ALA A 218 -4.65 -7.30 -3.80
C ALA A 218 -4.64 -8.14 -5.08
N ALA A 219 -5.49 -7.81 -6.03
CA ALA A 219 -5.56 -8.54 -7.29
C ALA A 219 -4.28 -8.43 -8.09
N ALA A 220 -3.74 -7.22 -8.20
CA ALA A 220 -2.50 -6.99 -8.92
C ALA A 220 -1.35 -7.74 -8.24
N SER A 221 -1.35 -7.71 -6.91
CA SER A 221 -0.31 -8.37 -6.12
C SER A 221 -0.21 -9.86 -6.39
N ILE A 222 -1.37 -10.53 -6.34
CA ILE A 222 -1.49 -11.96 -6.57
C ILE A 222 -1.13 -12.28 -8.01
N HIS A 223 -1.50 -11.37 -8.91
CA HIS A 223 -1.20 -11.54 -10.33
C HIS A 223 0.31 -11.56 -10.55
N VAL A 224 0.99 -10.53 -10.06
CA VAL A 224 2.43 -10.41 -10.18
C VAL A 224 3.13 -11.58 -9.49
N MET A 225 2.63 -11.96 -8.33
CA MET A 225 3.19 -13.09 -7.59
C MET A 225 3.12 -14.38 -8.43
N GLU A 226 1.97 -14.58 -9.09
CA GLU A 226 1.77 -15.80 -9.86
C GLU A 226 2.25 -15.86 -11.30
N LEU A 227 2.77 -14.74 -11.81
CA LEU A 227 3.30 -14.69 -13.17
C LEU A 227 4.44 -15.70 -13.34
N ALA A 228 4.65 -16.15 -14.57
CA ALA A 228 5.73 -17.09 -14.85
C ALA A 228 7.03 -16.33 -14.64
N HIS A 229 7.99 -16.98 -13.99
CA HIS A 229 9.28 -16.38 -13.71
C HIS A 229 9.93 -15.78 -14.94
N GLU A 230 9.84 -16.48 -16.08
CA GLU A 230 10.45 -15.99 -17.32
C GLU A 230 9.77 -14.72 -17.80
N VAL A 231 8.46 -14.63 -17.56
CA VAL A 231 7.67 -13.46 -17.96
C VAL A 231 8.05 -12.25 -17.09
N TRP A 232 8.21 -12.50 -15.80
CA TRP A 232 8.60 -11.45 -14.87
C TRP A 232 10.01 -10.94 -15.18
N LEU A 233 10.95 -11.86 -15.36
CA LEU A 233 12.35 -11.50 -15.66
C LEU A 233 12.45 -10.68 -16.93
N GLU A 234 11.61 -11.02 -17.89
CA GLU A 234 11.57 -10.37 -19.19
C GLU A 234 11.10 -8.93 -19.10
N ASN A 235 10.28 -8.63 -18.11
CA ASN A 235 9.74 -7.28 -17.93
C ASN A 235 10.31 -6.45 -16.80
N THR A 236 11.43 -6.90 -16.22
CA THR A 236 12.08 -6.18 -15.14
C THR A 236 13.58 -6.36 -15.34
N GLN A 237 14.37 -5.72 -14.47
CA GLN A 237 15.83 -5.84 -14.48
C GLN A 237 16.21 -6.30 -13.07
N PRO A 238 17.32 -7.05 -12.94
CA PRO A 238 17.76 -7.55 -11.64
C PRO A 238 17.94 -6.48 -10.57
N MET A 239 18.39 -5.29 -10.99
CA MET A 239 18.58 -4.23 -10.04
C MET A 239 17.56 -3.09 -10.16
N LEU A 240 16.46 -3.36 -10.85
CA LEU A 240 15.36 -2.40 -11.00
C LEU A 240 14.16 -3.33 -11.24
N SER A 241 13.86 -4.11 -10.21
CA SER A 241 12.84 -5.14 -10.25
C SER A 241 11.43 -4.84 -9.76
N HIS A 242 11.23 -3.72 -9.08
CA HIS A 242 9.91 -3.43 -8.56
C HIS A 242 8.91 -3.07 -9.65
N ILE A 243 7.63 -3.26 -9.34
CA ILE A 243 6.58 -2.94 -10.29
C ILE A 243 5.54 -2.02 -9.66
N ASN A 244 5.34 -0.86 -10.29
CA ASN A 244 4.37 0.13 -9.86
C ASN A 244 2.97 -0.46 -10.04
N VAL A 245 2.12 -0.26 -9.03
CA VAL A 245 0.74 -0.74 -9.10
C VAL A 245 -0.17 0.47 -8.87
N GLY A 246 -1.02 0.74 -9.85
CA GLY A 246 -1.95 1.86 -9.74
C GLY A 246 -2.92 1.93 -10.90
N THR A 247 -3.59 3.07 -11.05
CA THR A 247 -4.55 3.26 -12.13
C THR A 247 -3.96 4.06 -13.30
N GLY A 248 -2.97 4.90 -12.99
CA GLY A 248 -2.35 5.72 -14.01
C GLY A 248 -3.24 6.91 -14.32
N VAL A 249 -4.38 6.98 -13.63
CA VAL A 249 -5.36 8.06 -13.79
C VAL A 249 -5.28 9.02 -12.60
N ASP A 250 -5.21 10.31 -12.88
CA ASP A 250 -5.17 11.27 -11.80
C ASP A 250 -6.43 12.14 -11.77
N CYS A 251 -6.71 12.71 -10.61
CA CYS A 251 -7.84 13.59 -10.44
C CYS A 251 -7.47 14.61 -9.36
N THR A 252 -8.04 15.79 -9.47
CA THR A 252 -7.79 16.89 -8.52
C THR A 252 -8.40 16.60 -7.17
N ILE A 253 -7.87 17.25 -6.13
CA ILE A 253 -8.41 17.08 -4.81
C ILE A 253 -9.86 17.61 -4.80
N ARG A 254 -10.12 18.62 -5.64
CA ARG A 254 -11.45 19.20 -5.77
C ARG A 254 -12.42 18.13 -6.29
N GLU A 255 -12.00 17.40 -7.33
CA GLU A 255 -12.87 16.37 -7.87
C GLU A 255 -13.12 15.26 -6.85
N LEU A 256 -12.07 14.91 -6.09
CA LEU A 256 -12.14 13.89 -5.05
C LEU A 256 -13.12 14.30 -3.95
N ALA A 257 -12.94 15.51 -3.43
CA ALA A 257 -13.80 16.04 -2.37
C ALA A 257 -15.27 16.10 -2.79
N GLN A 258 -15.49 16.61 -3.99
CA GLN A 258 -16.81 16.76 -4.59
C GLN A 258 -17.48 15.39 -4.78
N THR A 259 -16.69 14.37 -5.16
CA THR A 259 -17.23 13.02 -5.35
C THR A 259 -17.58 12.39 -4.01
N ILE A 260 -16.74 12.58 -3.00
CA ILE A 260 -17.01 12.07 -1.67
C ILE A 260 -18.30 12.70 -1.14
N ALA A 261 -18.44 14.02 -1.31
CA ALA A 261 -19.65 14.72 -0.86
C ALA A 261 -20.90 14.07 -1.44
N LYS A 262 -20.86 13.77 -2.73
CA LYS A 262 -21.98 13.13 -3.42
C LYS A 262 -22.27 11.72 -2.87
N VAL A 263 -21.24 10.90 -2.75
CA VAL A 263 -21.34 9.53 -2.25
C VAL A 263 -21.97 9.47 -0.85
N VAL A 264 -21.62 10.43 -0.02
CA VAL A 264 -22.13 10.50 1.35
C VAL A 264 -23.51 11.14 1.46
N GLY A 265 -23.94 11.86 0.42
CA GLY A 265 -25.23 12.51 0.47
C GLY A 265 -25.18 13.88 1.13
N TYR A 266 -24.01 14.51 1.14
CA TYR A 266 -23.83 15.83 1.73
C TYR A 266 -24.44 16.91 0.84
N LYS A 267 -25.28 17.77 1.42
CA LYS A 267 -25.94 18.83 0.67
C LYS A 267 -25.35 20.21 0.90
N GLY A 268 -24.41 20.33 1.83
CA GLY A 268 -23.80 21.61 2.09
C GLY A 268 -22.81 22.01 1.01
N ARG A 269 -21.98 23.00 1.32
CA ARG A 269 -21.00 23.47 0.38
C ARG A 269 -19.59 23.00 0.68
N VAL A 270 -18.84 22.65 -0.36
CA VAL A 270 -17.46 22.22 -0.22
C VAL A 270 -16.65 23.47 -0.52
N VAL A 271 -15.87 23.92 0.45
CA VAL A 271 -15.07 25.12 0.26
C VAL A 271 -13.57 24.86 0.38
N PHE A 272 -12.81 25.37 -0.58
CA PHE A 272 -11.37 25.22 -0.56
C PHE A 272 -10.75 26.54 -0.14
N ASP A 273 -10.00 26.50 0.96
CA ASP A 273 -9.34 27.69 1.47
C ASP A 273 -7.97 27.79 0.80
N ALA A 274 -7.87 28.64 -0.22
CA ALA A 274 -6.64 28.84 -0.99
C ALA A 274 -5.57 29.63 -0.27
N SER A 275 -5.84 30.07 0.95
CA SER A 275 -4.82 30.80 1.69
C SER A 275 -3.84 29.79 2.32
N LYS A 276 -4.14 28.49 2.19
CA LYS A 276 -3.29 27.43 2.70
C LYS A 276 -2.55 26.88 1.50
N PRO A 277 -1.28 26.45 1.70
CA PRO A 277 -0.44 25.89 0.63
C PRO A 277 -0.85 24.50 0.14
N ASP A 278 -0.54 24.23 -1.11
CA ASP A 278 -0.80 22.93 -1.71
C ASP A 278 0.49 22.15 -1.62
N GLY A 279 0.43 20.85 -1.91
CA GLY A 279 1.63 20.03 -1.93
C GLY A 279 2.12 20.08 -3.37
N THR A 280 2.81 19.04 -3.84
CA THR A 280 3.29 19.03 -5.22
C THR A 280 2.04 19.06 -6.10
N PRO A 281 2.12 19.69 -7.27
CA PRO A 281 1.02 19.81 -8.22
C PRO A 281 0.44 18.50 -8.73
N ARG A 282 1.29 17.51 -8.89
CA ARG A 282 0.84 16.25 -9.46
C ARG A 282 1.68 15.10 -8.98
N LYS A 283 1.04 13.96 -8.81
CA LYS A 283 1.75 12.80 -8.34
C LYS A 283 0.98 11.56 -8.70
N LEU A 284 1.54 10.81 -9.64
CA LEU A 284 0.93 9.55 -10.07
C LEU A 284 2.00 8.63 -10.63
N LEU A 285 1.72 7.34 -10.64
CA LEU A 285 2.66 6.34 -11.12
C LEU A 285 2.49 6.01 -12.60
N ASP A 286 3.58 5.64 -13.23
CA ASP A 286 3.59 5.21 -14.62
C ASP A 286 3.38 3.70 -14.44
N VAL A 287 2.24 3.19 -14.89
CA VAL A 287 1.94 1.77 -14.75
C VAL A 287 2.11 0.95 -16.02
N THR A 288 2.93 1.47 -16.94
CA THR A 288 3.21 0.82 -18.22
C THR A 288 3.64 -0.64 -18.04
N ARG A 289 4.65 -0.83 -17.19
CA ARG A 289 5.20 -2.14 -16.87
C ARG A 289 4.12 -3.12 -16.39
N LEU A 290 3.22 -2.62 -15.54
CA LEU A 290 2.15 -3.44 -15.01
C LEU A 290 1.15 -3.84 -16.11
N HIS A 291 0.82 -2.87 -16.95
CA HIS A 291 -0.13 -3.11 -18.04
C HIS A 291 0.44 -4.10 -19.03
N GLN A 292 1.74 -4.01 -19.29
CA GLN A 292 2.40 -4.93 -20.21
C GLN A 292 2.42 -6.33 -19.62
N LEU A 293 2.29 -6.44 -18.30
CA LEU A 293 2.26 -7.74 -17.64
C LEU A 293 0.83 -8.25 -17.68
N GLY A 294 -0.03 -7.51 -18.39
CA GLY A 294 -1.43 -7.88 -18.55
C GLY A 294 -2.43 -7.62 -17.43
N TRP A 295 -2.15 -6.67 -16.55
CA TRP A 295 -3.09 -6.39 -15.48
C TRP A 295 -3.61 -4.96 -15.58
N TYR A 296 -4.91 -4.83 -15.38
CA TYR A 296 -5.62 -3.55 -15.41
C TYR A 296 -6.61 -3.51 -14.25
N HIS A 297 -6.74 -2.34 -13.63
CA HIS A 297 -7.65 -2.19 -12.50
C HIS A 297 -9.10 -2.24 -12.91
N GLU A 298 -9.96 -2.66 -11.99
CA GLU A 298 -11.40 -2.79 -12.24
C GLU A 298 -12.28 -1.80 -11.50
N ILE A 299 -11.88 -1.44 -10.29
CA ILE A 299 -12.66 -0.52 -9.46
C ILE A 299 -12.42 0.95 -9.75
N SER A 300 -13.46 1.64 -10.23
CA SER A 300 -13.37 3.07 -10.52
C SER A 300 -13.54 3.85 -9.21
N LEU A 301 -13.13 5.11 -9.20
CA LEU A 301 -13.19 5.93 -7.98
C LEU A 301 -14.58 6.01 -7.30
N GLU A 302 -15.59 6.44 -8.06
CA GLU A 302 -16.95 6.58 -7.54
C GLU A 302 -17.43 5.26 -6.95
N ALA A 303 -17.19 4.19 -7.69
CA ALA A 303 -17.60 2.85 -7.26
C ALA A 303 -16.84 2.42 -6.01
N GLY A 304 -15.54 2.68 -5.98
CA GLY A 304 -14.72 2.32 -4.83
C GLY A 304 -15.04 3.11 -3.57
N LEU A 305 -15.38 4.39 -3.73
CA LEU A 305 -15.72 5.23 -2.58
C LEU A 305 -17.07 4.84 -2.00
N ALA A 306 -18.01 4.49 -2.88
CA ALA A 306 -19.34 4.10 -2.46
C ALA A 306 -19.28 2.82 -1.61
N SER A 307 -18.57 1.80 -2.10
CA SER A 307 -18.44 0.55 -1.35
C SER A 307 -17.61 0.72 -0.08
N THR A 308 -16.58 1.56 -0.13
CA THR A 308 -15.76 1.83 1.05
C THR A 308 -16.60 2.55 2.13
N TYR A 309 -17.47 3.47 1.71
CA TYR A 309 -18.33 4.20 2.63
C TYR A 309 -19.30 3.24 3.29
N GLN A 310 -19.79 2.30 2.50
CA GLN A 310 -20.72 1.28 2.97
C GLN A 310 -20.05 0.47 4.07
N TRP A 311 -18.77 0.15 3.87
CA TRP A 311 -18.02 -0.62 4.86
C TRP A 311 -17.89 0.21 6.14
N PHE A 312 -17.53 1.48 5.97
CA PHE A 312 -17.39 2.39 7.10
C PHE A 312 -18.67 2.46 7.92
N LEU A 313 -19.82 2.48 7.24
CA LEU A 313 -21.13 2.56 7.91
C LEU A 313 -21.36 1.36 8.81
N GLU A 314 -21.12 0.16 8.28
CA GLU A 314 -21.31 -1.06 9.05
C GLU A 314 -20.25 -1.30 10.14
N ASN A 315 -19.21 -0.46 10.19
CA ASN A 315 -18.12 -0.64 11.14
C ASN A 315 -17.73 0.62 11.88
N GLN A 316 -18.55 1.66 11.83
CA GLN A 316 -18.17 2.91 12.48
C GLN A 316 -17.94 2.84 13.99
N ASP A 317 -18.53 1.83 14.63
CA ASP A 317 -18.33 1.64 16.06
C ASP A 317 -17.05 0.84 16.28
N ARG A 318 -15.96 1.45 15.87
CA ARG A 318 -14.60 0.91 15.95
C ARG A 318 -13.67 2.12 15.90
N PHE A 319 -14.21 3.25 15.45
CA PHE A 319 -13.47 4.50 15.30
C PHE A 319 -14.07 5.61 16.15
#